data_4EIS
#
_entry.id   4EIS
#
_cell.length_a   35.740
_cell.length_b   77.890
_cell.length_c   82.050
_cell.angle_alpha   90.000
_cell.angle_beta   90.020
_cell.angle_gamma   90.000
#
_symmetry.space_group_name_H-M   'P 1 21 1'
#
loop_
_entity.id
_entity.type
_entity.pdbx_description
1 polymer 'polysaccharide monooxygenase-3'
2 polymer 'polysaccharide monooxygenase-3'
3 branched 2-acetamido-2-deoxy-beta-D-glucopyranose-(1-4)-2-acetamido-2-deoxy-beta-D-glucopyranose
4 non-polymer 'COPPER (II) ION'
5 non-polymer 'PEROXIDE ION'
6 water water
#
loop_
_entity_poly.entity_id
_entity_poly.type
_entity_poly.pdbx_seq_one_letter_code
_entity_poly.pdbx_strand_id
1 'polypeptide(L)'
;(HIC)GFVDNATIGGQFYQFYQPYQDP(DAH)MGSPPDRISRKIPGNGPVEDVTSLAIQCNADSAPAKLHASAAAGSTVT
LRWTIWPDSHVGPVITYMARCPDTGCQDWTPSASDKVWFKIKEGGREGTSNVWAATPLMTAPANYEYAIPSCLKPGYYLV
RHEIIALHSAYSYPGAQFYPGCHQLQVTGSGTKTPSSGLVSFPGAYKSTDPGVTYDAYQAATYTIPGPAVFTC
;
A
2 'polypeptide(L)'
;(HIC)GFVDNATIGGQFYQFYQPYQDPYMGSPPDRISRKIPGNGPVEDVTSLAIQCNADSAPAKLHASAAAGSTVTLRWT
IWPDSHVGPVITYMARCPDTGCQDWTPSASDKVWFKIKEGGREGTSNVWAATPLMTAPANYEYAIPSCLKPGYYLVRHEI
IALHSAYSYPGAQFYPGCHQLQVTGSGTKTPSSGLVSFPGAYKSTDPGVTYDAYQAATYTIPGPAVFTC
;
B
#
# COMPACT_ATOMS: atom_id res chain seq x y z
N GLY A 2 5.66 -7.18 1.28
CA GLY A 2 5.19 -6.70 2.55
C GLY A 2 6.29 -5.92 3.25
N PHE A 3 6.00 -5.46 4.45
CA PHE A 3 6.97 -4.75 5.28
C PHE A 3 6.55 -4.85 6.74
N VAL A 4 7.46 -4.51 7.63
CA VAL A 4 7.10 -4.43 9.03
C VAL A 4 6.22 -3.20 9.23
N ASP A 5 5.01 -3.43 9.72
CA ASP A 5 3.98 -2.39 9.85
C ASP A 5 4.13 -1.62 11.18
N ASN A 6 4.43 -2.35 12.23
CA ASN A 6 4.62 -1.75 13.55
C ASN A 6 5.33 -2.72 14.48
N ALA A 7 5.65 -2.24 15.66
CA ALA A 7 6.36 -3.03 16.66
C ALA A 7 5.99 -2.65 18.08
N THR A 8 6.38 -3.51 19.00
CA THR A 8 6.28 -3.23 20.43
C THR A 8 7.70 -3.37 20.96
N ILE A 9 8.29 -2.24 21.36
CA ILE A 9 9.67 -2.15 21.80
C ILE A 9 9.71 -1.47 23.17
N GLY A 10 10.40 -2.08 24.13
CA GLY A 10 10.44 -1.53 25.48
C GLY A 10 9.05 -1.39 26.06
N GLY A 11 8.14 -2.25 25.59
CA GLY A 11 6.79 -2.23 26.06
C GLY A 11 5.87 -1.23 25.40
N GLN A 12 6.41 -0.46 24.45
CA GLN A 12 5.66 0.64 23.81
C GLN A 12 5.39 0.33 22.35
N PHE A 13 4.25 0.80 21.86
CA PHE A 13 3.84 0.60 20.47
C PHE A 13 4.47 1.67 19.58
N TYR A 14 5.01 1.23 18.45
CA TYR A 14 5.48 2.14 17.43
C TYR A 14 4.95 1.75 16.05
N GLN A 15 4.32 2.69 15.35
CA GLN A 15 3.99 2.47 13.97
C GLN A 15 5.23 2.74 13.15
N PHE A 16 5.62 1.79 12.32
CA PHE A 16 6.80 1.97 11.49
C PHE A 16 6.50 2.93 10.33
N TYR A 17 7.57 3.39 9.66
CA TYR A 17 7.46 4.11 8.43
C TYR A 17 6.42 3.45 7.52
N GLN A 18 5.53 4.26 6.97
CA GLN A 18 4.41 3.79 6.15
C GLN A 18 4.60 4.27 4.71
N PRO A 19 5.07 3.39 3.80
CA PRO A 19 5.37 3.83 2.44
C PRO A 19 4.13 4.20 1.63
N TYR A 20 2.93 3.76 2.04
CA TYR A 20 1.68 4.09 1.36
C TYR A 20 0.85 5.11 2.15
N GLN A 21 1.51 5.85 3.06
CA GLN A 21 0.83 6.95 3.80
C GLN A 21 1.76 8.17 3.95
N ASP A 22 2.97 7.93 4.43
CA ASP A 22 3.85 8.99 4.89
C ASP A 22 4.31 9.93 3.79
N PRO A 23 4.67 9.40 2.61
CA PRO A 23 5.16 10.32 1.58
C PRO A 23 4.19 11.39 1.08
N MET A 25 1.92 13.07 2.91
CA MET A 25 1.62 14.13 3.87
C MET A 25 2.49 15.34 3.58
N GLY A 26 1.97 16.52 3.89
CA GLY A 26 2.77 17.72 3.79
C GLY A 26 4.02 17.66 4.64
N SER A 27 3.88 17.08 5.83
CA SER A 27 4.99 16.88 6.75
C SER A 27 4.97 15.43 7.19
N PRO A 28 5.81 14.57 6.57
CA PRO A 28 5.83 13.16 6.98
C PRO A 28 6.18 13.01 8.47
N PRO A 29 5.51 12.08 9.17
CA PRO A 29 5.70 11.94 10.61
C PRO A 29 7.08 11.38 10.99
N ASP A 30 7.62 11.83 12.11
CA ASP A 30 8.85 11.26 12.67
C ASP A 30 8.60 9.78 12.94
N ARG A 31 9.59 8.95 12.64
CA ARG A 31 9.47 7.50 12.85
C ARG A 31 10.74 6.96 13.51
N ILE A 32 10.62 5.78 14.10
CA ILE A 32 11.82 5.05 14.57
C ILE A 32 12.41 4.13 13.50
N SER A 33 11.68 3.94 12.40
CA SER A 33 12.13 3.07 11.32
C SER A 33 12.37 3.87 10.07
N ARG A 34 13.22 3.30 9.22
CA ARG A 34 13.79 3.99 8.09
C ARG A 34 12.90 3.84 6.86
N LYS A 35 12.89 4.87 6.05
CA LYS A 35 12.15 4.95 4.80
C LYS A 35 12.35 3.71 3.94
N ILE A 36 11.25 3.22 3.36
CA ILE A 36 11.28 2.13 2.38
C ILE A 36 10.41 2.58 1.19
N PRO A 37 10.61 1.98 0.00
CA PRO A 37 9.87 2.44 -1.18
C PRO A 37 8.41 2.00 -1.25
N GLY A 38 8.09 0.97 -0.51
CA GLY A 38 6.87 0.20 -0.75
C GLY A 38 7.10 -1.23 -0.30
N ASN A 39 6.26 -2.15 -0.75
CA ASN A 39 6.29 -3.52 -0.26
C ASN A 39 7.08 -4.51 -1.14
N GLY A 40 7.75 -4.00 -2.17
CA GLY A 40 8.45 -4.83 -3.15
C GLY A 40 9.85 -5.28 -2.75
N PRO A 41 10.38 -6.30 -3.43
CA PRO A 41 11.68 -6.86 -3.05
C PRO A 41 12.89 -6.11 -3.58
N VAL A 42 14.01 -6.30 -2.88
CA VAL A 42 15.33 -5.96 -3.34
C VAL A 42 15.91 -7.28 -3.87
N GLU A 43 16.53 -7.24 -5.04
CA GLU A 43 17.05 -8.44 -5.67
C GLU A 43 18.55 -8.37 -5.98
N ASP A 44 19.22 -7.30 -5.57
CA ASP A 44 20.63 -7.09 -5.90
C ASP A 44 21.44 -7.12 -4.60
N VAL A 45 22.17 -8.23 -4.35
CA VAL A 45 22.97 -8.33 -3.11
C VAL A 45 24.18 -7.40 -3.10
N THR A 46 24.51 -6.81 -4.24
CA THR A 46 25.65 -5.88 -4.34
C THR A 46 25.22 -4.42 -4.16
N SER A 47 23.92 -4.18 -3.96
CA SER A 47 23.38 -2.83 -3.79
C SER A 47 23.25 -2.43 -2.32
N LEU A 48 23.48 -1.15 -2.04
CA LEU A 48 23.18 -0.62 -0.72
C LEU A 48 21.72 -0.81 -0.35
N ALA A 49 20.85 -1.03 -1.33
CA ALA A 49 19.43 -1.27 -1.02
C ALA A 49 19.25 -2.54 -0.15
N ILE A 50 20.23 -3.45 -0.19
CA ILE A 50 20.12 -4.67 0.59
C ILE A 50 20.25 -4.40 2.09
N GLN A 51 20.78 -3.23 2.45
CA GLN A 51 21.01 -2.87 3.84
C GLN A 51 19.69 -2.54 4.54
N CYS A 52 19.05 -1.45 4.13
CA CYS A 52 17.83 -0.95 4.77
C CYS A 52 16.70 -0.67 3.75
N ASN A 53 16.78 -1.38 2.61
CA ASN A 53 15.88 -1.23 1.48
C ASN A 53 16.29 -0.05 0.58
N ALA A 54 15.64 0.08 -0.57
CA ALA A 54 16.03 1.03 -1.60
C ALA A 54 15.71 2.47 -1.21
N ASP A 55 16.65 3.36 -1.54
CA ASP A 55 16.51 4.80 -1.34
C ASP A 55 16.10 5.14 0.09
N SER A 56 16.72 4.45 1.04
CA SER A 56 16.40 4.66 2.43
C SER A 56 17.13 5.89 2.98
N ALA A 57 16.82 6.20 4.23
CA ALA A 57 17.39 7.34 4.92
C ALA A 57 17.29 7.10 6.43
N PRO A 58 18.16 7.77 7.21
CA PRO A 58 18.04 7.62 8.66
C PRO A 58 16.67 8.05 9.17
N ALA A 59 16.25 7.48 10.30
CA ALA A 59 14.98 7.83 10.94
C ALA A 59 15.27 8.84 12.05
N LYS A 60 14.28 9.66 12.36
CA LYS A 60 14.47 10.78 13.28
C LYS A 60 14.48 10.32 14.75
N LEU A 61 13.83 9.20 15.05
CA LEU A 61 13.65 8.77 16.44
C LEU A 61 14.32 7.42 16.74
N HIS A 62 14.53 7.19 18.04
CA HIS A 62 14.93 5.89 18.56
C HIS A 62 13.90 5.40 19.55
N ALA A 63 13.76 4.07 19.64
CA ALA A 63 12.92 3.42 20.64
C ALA A 63 13.77 2.87 21.79
N SER A 64 13.49 3.29 23.02
CA SER A 64 14.23 2.84 24.19
C SER A 64 13.85 1.42 24.57
N ALA A 65 14.83 0.60 24.89
CA ALA A 65 14.57 -0.78 25.35
C ALA A 65 15.76 -1.28 26.15
N ALA A 66 15.49 -2.12 27.13
CA ALA A 66 16.54 -2.74 27.92
C ALA A 66 17.20 -3.86 27.14
N ALA A 67 18.52 -3.98 27.26
CA ALA A 67 19.20 -5.13 26.73
C ALA A 67 18.58 -6.36 27.38
N GLY A 68 18.38 -7.41 26.61
CA GLY A 68 17.79 -8.65 27.12
C GLY A 68 16.27 -8.71 26.94
N SER A 69 15.63 -7.57 26.70
CA SER A 69 14.19 -7.52 26.49
C SER A 69 13.75 -8.03 25.12
N THR A 70 12.48 -8.40 25.01
CA THR A 70 11.91 -8.88 23.76
C THR A 70 11.21 -7.77 22.98
N VAL A 71 11.40 -7.81 21.66
CA VAL A 71 10.74 -6.94 20.70
C VAL A 71 9.79 -7.77 19.84
N THR A 72 8.59 -7.25 19.57
CA THR A 72 7.65 -7.82 18.63
C THR A 72 7.64 -6.99 17.37
N LEU A 73 7.80 -7.63 16.23
CA LEU A 73 7.57 -6.99 14.95
C LEU A 73 6.33 -7.60 14.31
N ARG A 74 5.52 -6.77 13.67
CA ARG A 74 4.30 -7.24 13.02
C ARG A 74 4.36 -6.90 11.53
N TRP A 75 4.39 -7.92 10.69
CA TRP A 75 4.38 -7.77 9.24
C TRP A 75 3.01 -7.58 8.71
N THR A 76 2.95 -6.91 7.57
CA THR A 76 1.76 -6.95 6.73
C THR A 76 1.55 -8.41 6.26
N ILE A 77 0.41 -8.73 5.65
CA ILE A 77 0.08 -10.12 5.36
C ILE A 77 1.08 -10.76 4.39
N TRP A 78 1.68 -11.89 4.78
CA TRP A 78 2.77 -12.49 4.01
C TRP A 78 2.26 -13.54 3.07
N PRO A 79 2.50 -13.40 1.74
CA PRO A 79 1.98 -14.38 0.79
C PRO A 79 2.54 -15.80 0.99
N ASP A 80 1.71 -16.82 0.90
CA ASP A 80 2.14 -18.19 1.22
C ASP A 80 3.14 -18.81 0.26
N SER A 81 3.31 -18.21 -0.93
CA SER A 81 4.35 -18.64 -1.83
C SER A 81 5.74 -18.23 -1.32
N HIS A 82 5.83 -17.17 -0.50
CA HIS A 82 7.13 -16.55 -0.17
C HIS A 82 7.83 -17.28 0.98
N VAL A 83 8.10 -18.57 0.78
CA VAL A 83 8.89 -19.33 1.74
C VAL A 83 10.32 -18.79 1.76
N GLY A 84 10.97 -18.90 2.90
CA GLY A 84 12.34 -18.45 3.05
C GLY A 84 12.69 -18.22 4.50
N PRO A 85 13.96 -17.91 4.76
CA PRO A 85 14.44 -17.58 6.08
C PRO A 85 14.04 -16.19 6.54
N VAL A 86 14.12 -15.97 7.84
CA VAL A 86 13.87 -14.69 8.47
C VAL A 86 15.10 -14.42 9.34
N ILE A 87 15.70 -13.23 9.21
CA ILE A 87 16.99 -12.96 9.83
C ILE A 87 17.01 -11.57 10.41
N THR A 88 17.61 -11.41 11.60
CA THR A 88 17.72 -10.12 12.25
C THR A 88 19.16 -9.83 12.66
N TYR A 89 19.61 -8.63 12.32
CA TYR A 89 20.93 -8.13 12.66
C TYR A 89 20.84 -6.83 13.47
N MET A 90 21.93 -6.48 14.13
CA MET A 90 22.07 -5.15 14.74
C MET A 90 23.43 -4.56 14.38
N ALA A 91 23.53 -3.26 14.53
CA ALA A 91 24.81 -2.55 14.41
C ALA A 91 24.83 -1.36 15.36
N ARG A 92 25.96 -1.10 16.01
CA ARG A 92 26.05 0.01 16.93
C ARG A 92 26.26 1.31 16.16
N CYS A 93 25.35 2.26 16.36
CA CYS A 93 25.50 3.59 15.81
C CYS A 93 26.50 4.38 16.61
N PRO A 94 26.99 5.49 16.03
CA PRO A 94 27.80 6.40 16.83
C PRO A 94 27.03 6.85 18.07
N ASP A 95 27.75 7.22 19.12
CA ASP A 95 27.10 7.63 20.36
C ASP A 95 26.29 8.93 20.19
N THR A 96 26.57 9.66 19.12
CA THR A 96 25.78 10.83 18.71
C THR A 96 24.39 10.49 18.10
N GLY A 97 24.15 9.21 17.83
CA GLY A 97 22.83 8.69 17.48
C GLY A 97 22.79 8.12 16.09
N CYS A 98 21.82 7.24 15.84
CA CYS A 98 21.56 6.74 14.49
C CYS A 98 20.94 7.72 13.51
N GLN A 99 20.41 8.84 13.99
CA GLN A 99 19.57 9.73 13.16
C GLN A 99 20.23 10.43 11.96
N ASP A 100 21.55 10.38 11.91
CA ASP A 100 22.29 10.93 10.77
C ASP A 100 23.43 10.00 10.33
N TRP A 101 23.28 8.71 10.60
CA TRP A 101 24.31 7.73 10.34
C TRP A 101 23.77 6.64 9.47
N THR A 102 24.50 6.30 8.42
CA THR A 102 24.24 5.08 7.66
C THR A 102 25.57 4.40 7.39
N PRO A 103 25.69 3.12 7.81
CA PRO A 103 26.92 2.41 7.49
C PRO A 103 27.23 2.44 6.00
N SER A 104 28.49 2.60 5.65
CA SER A 104 28.88 2.52 4.26
C SER A 104 28.80 1.10 3.75
N ALA A 105 28.92 0.95 2.43
CA ALA A 105 28.87 -0.33 1.75
C ALA A 105 29.97 -1.30 2.22
N SER A 106 31.05 -0.76 2.77
CA SER A 106 32.16 -1.58 3.24
C SER A 106 32.35 -1.58 4.75
N ASP A 107 31.43 -0.94 5.48
CA ASP A 107 31.45 -0.94 6.94
C ASP A 107 31.01 -2.29 7.52
N LYS A 108 31.97 -3.06 8.05
CA LYS A 108 31.66 -4.33 8.70
C LYS A 108 31.23 -4.08 10.13
N VAL A 109 29.95 -3.72 10.27
CA VAL A 109 29.39 -3.28 11.55
C VAL A 109 28.20 -4.13 12.02
N TRP A 110 27.72 -5.03 11.17
CA TRP A 110 26.50 -5.75 11.47
C TRP A 110 26.73 -7.10 12.09
N PHE A 111 26.05 -7.40 13.20
CA PHE A 111 26.10 -8.71 13.81
C PHE A 111 24.73 -9.34 13.78
N LYS A 112 24.69 -10.62 13.48
CA LYS A 112 23.45 -11.36 13.41
C LYS A 112 23.01 -11.70 14.82
N ILE A 113 21.76 -11.38 15.17
CA ILE A 113 21.22 -11.74 16.47
C ILE A 113 20.16 -12.86 16.45
N LYS A 114 19.52 -13.09 15.30
CA LYS A 114 18.55 -14.18 15.21
C LYS A 114 18.39 -14.65 13.78
N GLU A 115 18.16 -15.96 13.60
CA GLU A 115 17.91 -16.49 12.26
C GLU A 115 17.03 -17.73 12.35
N GLY A 116 16.33 -17.97 11.26
CA GLY A 116 15.55 -19.17 11.09
C GLY A 116 15.53 -19.49 9.62
N GLY A 117 15.53 -20.78 9.28
CA GLY A 117 15.63 -21.24 7.90
C GLY A 117 14.52 -22.17 7.48
N ARG A 118 14.90 -23.28 6.85
CA ARG A 118 13.98 -24.34 6.41
C ARG A 118 13.96 -25.43 7.46
N GLU A 119 12.79 -25.95 7.82
CA GLU A 119 12.72 -27.04 8.77
C GLU A 119 13.00 -28.34 8.04
N GLY A 120 14.23 -28.84 8.17
CA GLY A 120 14.65 -30.03 7.45
C GLY A 120 14.51 -29.83 5.95
N THR A 121 13.83 -30.77 5.31
CA THR A 121 13.58 -30.71 3.88
C THR A 121 12.09 -30.50 3.58
N SER A 122 11.33 -30.09 4.60
CA SER A 122 9.89 -29.83 4.46
C SER A 122 9.64 -28.48 3.79
N ASN A 123 8.36 -28.13 3.67
CA ASN A 123 7.99 -26.83 3.14
C ASN A 123 7.65 -25.83 4.23
N VAL A 124 8.02 -26.12 5.46
CA VAL A 124 7.86 -25.20 6.57
C VAL A 124 9.15 -24.43 6.77
N TRP A 125 9.04 -23.11 6.79
CA TRP A 125 10.19 -22.22 6.89
C TRP A 125 9.96 -21.22 8.00
N ALA A 126 10.99 -20.44 8.33
CA ALA A 126 10.82 -19.40 9.33
C ALA A 126 9.77 -18.36 8.90
N ALA A 127 9.62 -18.13 7.60
CA ALA A 127 8.58 -17.21 7.11
C ALA A 127 7.15 -17.75 7.26
N THR A 128 6.99 -19.05 7.44
CA THR A 128 5.67 -19.67 7.44
C THR A 128 4.69 -19.09 8.46
N PRO A 129 5.09 -18.91 9.74
CA PRO A 129 4.11 -18.35 10.67
C PRO A 129 3.55 -17.00 10.26
N LEU A 130 4.35 -16.19 9.56
CA LEU A 130 3.92 -14.88 9.13
C LEU A 130 2.84 -14.93 8.04
N MET A 131 2.64 -16.11 7.46
CA MET A 131 1.63 -16.32 6.42
C MET A 131 0.21 -16.48 6.99
N THR A 132 0.08 -16.54 8.31
CA THR A 132 -1.20 -16.71 9.01
C THR A 132 -1.36 -15.64 10.08
N ALA A 133 -2.33 -14.76 9.92
CA ALA A 133 -2.50 -13.62 10.81
C ALA A 133 -2.81 -14.07 12.22
N PRO A 134 -2.34 -13.30 13.25
CA PRO A 134 -1.48 -12.10 13.14
C PRO A 134 -0.04 -12.44 12.76
N ALA A 135 0.50 -11.71 11.78
CA ALA A 135 1.83 -12.01 11.23
C ALA A 135 2.95 -11.45 12.10
N ASN A 136 3.18 -12.09 13.26
CA ASN A 136 4.13 -11.61 14.27
C ASN A 136 5.45 -12.38 14.43
N TYR A 137 6.50 -11.61 14.75
CA TYR A 137 7.86 -12.10 14.93
C TYR A 137 8.43 -11.49 16.21
N GLU A 138 9.20 -12.26 16.96
CA GLU A 138 9.90 -11.73 18.12
C GLU A 138 11.41 -11.89 17.99
N TYR A 139 12.15 -10.94 18.56
CA TYR A 139 13.58 -11.11 18.81
C TYR A 139 13.96 -10.57 20.19
N ALA A 140 15.06 -11.08 20.73
CA ALA A 140 15.58 -10.59 22.00
C ALA A 140 16.83 -9.80 21.75
N ILE A 141 16.84 -8.57 22.24
CA ILE A 141 18.05 -7.75 22.26
C ILE A 141 19.05 -8.45 23.17
N PRO A 142 20.24 -8.81 22.63
CA PRO A 142 21.19 -9.55 23.46
C PRO A 142 21.43 -8.83 24.79
N SER A 143 21.40 -9.58 25.88
CA SER A 143 21.41 -9.00 27.22
C SER A 143 22.74 -8.33 27.61
N CYS A 144 23.83 -8.69 26.92
CA CYS A 144 25.16 -8.18 27.24
C CYS A 144 25.55 -6.91 26.48
N LEU A 145 24.70 -6.41 25.59
CA LEU A 145 25.07 -5.24 24.80
C LEU A 145 25.28 -4.01 25.67
N LYS A 146 26.38 -3.31 25.41
CA LYS A 146 26.68 -2.04 26.05
C LYS A 146 25.61 -1.04 25.67
N PRO A 147 25.16 -0.23 26.63
CA PRO A 147 24.15 0.77 26.26
C PRO A 147 24.61 1.67 25.12
N GLY A 148 23.68 2.02 24.24
CA GLY A 148 23.99 2.92 23.14
C GLY A 148 22.84 2.96 22.17
N TYR A 149 23.10 3.54 21.01
CA TYR A 149 22.14 3.63 19.93
C TYR A 149 22.51 2.54 18.94
N TYR A 150 21.52 1.77 18.49
CA TYR A 150 21.75 0.67 17.61
C TYR A 150 20.73 0.67 16.49
N LEU A 151 21.16 0.26 15.31
CA LEU A 151 20.28 0.01 14.20
C LEU A 151 19.96 -1.49 14.22
N VAL A 152 18.71 -1.81 13.90
CA VAL A 152 18.28 -3.19 13.74
C VAL A 152 17.88 -3.40 12.28
N ARG A 153 18.44 -4.42 11.65
CA ARG A 153 18.09 -4.79 10.28
C ARG A 153 17.38 -6.11 10.32
N HIS A 154 16.16 -6.10 9.82
CA HIS A 154 15.34 -7.30 9.78
C HIS A 154 14.91 -7.60 8.36
N GLU A 155 14.95 -8.87 7.97
CA GLU A 155 14.56 -9.29 6.63
C GLU A 155 13.88 -10.62 6.60
N ILE A 156 13.02 -10.76 5.59
CA ILE A 156 12.61 -12.06 5.05
C ILE A 156 13.30 -12.20 3.68
N ILE A 157 13.82 -13.39 3.38
CA ILE A 157 14.35 -13.68 2.05
C ILE A 157 13.40 -14.69 1.41
N ALA A 158 12.55 -14.21 0.51
CA ALA A 158 11.64 -15.13 -0.19
C ALA A 158 12.34 -15.83 -1.35
N LEU A 159 12.21 -17.16 -1.39
CA LEU A 159 12.99 -17.99 -2.30
C LEU A 159 12.21 -18.73 -3.38
N HIS A 160 10.96 -18.33 -3.57
CA HIS A 160 10.10 -18.94 -4.57
C HIS A 160 10.57 -18.75 -5.99
N SER A 161 11.43 -17.77 -6.21
CA SER A 161 11.99 -17.48 -7.54
C SER A 161 13.52 -17.44 -7.54
N ALA A 162 14.13 -18.25 -6.68
CA ALA A 162 15.59 -18.16 -6.44
C ALA A 162 16.44 -19.28 -7.10
N TYR A 163 15.84 -20.06 -7.97
CA TYR A 163 16.55 -21.12 -8.67
C TYR A 163 17.81 -20.62 -9.34
N SER A 164 17.73 -19.42 -9.90
CA SER A 164 18.91 -18.75 -10.41
C SER A 164 19.03 -17.35 -9.79
N TYR A 165 20.10 -16.65 -10.12
CA TYR A 165 20.32 -15.31 -9.61
C TYR A 165 20.51 -14.34 -10.78
N PRO A 166 19.90 -13.15 -10.70
CA PRO A 166 19.02 -12.66 -9.64
C PRO A 166 17.76 -13.49 -9.53
N GLY A 167 17.17 -13.52 -8.35
CA GLY A 167 15.97 -14.30 -8.14
C GLY A 167 15.47 -14.24 -6.72
N ALA A 168 16.38 -14.50 -5.78
CA ALA A 168 16.05 -14.36 -4.36
C ALA A 168 15.48 -12.98 -4.10
N GLN A 169 14.43 -12.89 -3.27
CA GLN A 169 13.78 -11.62 -2.97
C GLN A 169 14.01 -11.25 -1.51
N PHE A 170 14.73 -10.14 -1.30
CA PHE A 170 15.05 -9.67 0.03
C PHE A 170 14.12 -8.54 0.42
N TYR A 171 13.57 -8.60 1.62
CA TYR A 171 12.62 -7.62 2.13
C TYR A 171 13.22 -7.05 3.43
N PRO A 172 14.28 -6.22 3.31
CA PRO A 172 14.94 -5.66 4.49
C PRO A 172 14.33 -4.36 4.93
N GLY A 173 14.51 -4.05 6.21
CA GLY A 173 14.02 -2.83 6.79
C GLY A 173 14.75 -2.60 8.09
N CYS A 174 14.94 -1.34 8.46
CA CYS A 174 15.73 -0.98 9.61
C CYS A 174 14.96 -0.11 10.58
N HIS A 175 15.14 -0.38 11.87
CA HIS A 175 14.64 0.49 12.91
C HIS A 175 15.71 0.80 13.94
N GLN A 176 15.46 1.81 14.76
CA GLN A 176 16.47 2.43 15.59
C GLN A 176 16.12 2.29 17.06
N LEU A 177 17.12 1.80 17.81
CA LEU A 177 16.96 1.54 19.25
C LEU A 177 17.91 2.40 20.09
N GLN A 178 17.46 2.73 21.30
CA GLN A 178 18.33 3.16 22.36
C GLN A 178 18.31 2.00 23.34
N VAL A 179 19.38 1.21 23.34
CA VAL A 179 19.51 0.11 24.26
C VAL A 179 20.06 0.61 25.60
N THR A 180 19.40 0.20 26.67
CA THR A 180 19.76 0.60 28.03
C THR A 180 20.15 -0.63 28.83
N GLY A 181 20.64 -0.42 30.04
CA GLY A 181 20.95 -1.52 30.95
C GLY A 181 22.40 -1.64 31.40
N SER A 182 22.76 -2.84 31.81
CA SER A 182 23.99 -3.13 32.51
C SER A 182 25.00 -3.90 31.66
N GLY A 183 24.70 -4.08 30.37
CA GLY A 183 25.61 -4.77 29.48
C GLY A 183 26.92 -4.03 29.28
N THR A 184 27.97 -4.79 28.99
CA THR A 184 29.30 -4.23 28.79
C THR A 184 29.96 -4.61 27.46
N LYS A 185 29.25 -5.35 26.61
CA LYS A 185 29.86 -5.94 25.42
C LYS A 185 29.55 -5.15 24.14
N THR A 186 30.57 -5.02 23.30
CA THR A 186 30.45 -4.54 21.95
C THR A 186 30.88 -5.68 21.02
N PRO A 187 29.95 -6.19 20.20
CA PRO A 187 30.36 -7.27 19.30
C PRO A 187 31.55 -6.89 18.42
N SER A 188 32.55 -7.76 18.36
CA SER A 188 33.75 -7.56 17.54
C SER A 188 34.18 -8.82 16.80
N SER A 189 33.25 -9.75 16.62
CA SER A 189 33.44 -10.86 15.69
C SER A 189 32.14 -11.20 15.01
N GLY A 190 32.22 -11.91 13.90
CA GLY A 190 31.05 -12.19 13.10
C GLY A 190 30.44 -10.95 12.48
N LEU A 191 31.22 -9.88 12.37
CA LEU A 191 30.74 -8.64 11.79
C LEU A 191 30.81 -8.67 10.27
N VAL A 192 29.77 -8.14 9.64
CA VAL A 192 29.67 -8.11 8.17
C VAL A 192 29.19 -6.75 7.69
N SER A 193 29.35 -6.50 6.40
CA SER A 193 28.78 -5.30 5.78
C SER A 193 27.60 -5.66 4.88
N PHE A 194 26.72 -4.70 4.65
CA PHE A 194 25.65 -4.83 3.67
C PHE A 194 25.75 -3.64 2.70
N PRO A 195 26.09 -3.88 1.42
CA PRO A 195 26.41 -5.18 0.79
C PRO A 195 27.73 -5.78 1.26
N GLY A 196 27.87 -7.08 1.02
CA GLY A 196 29.06 -7.83 1.33
C GLY A 196 28.80 -9.17 1.97
N ALA A 197 27.86 -9.19 2.92
CA ALA A 197 27.54 -10.40 3.68
C ALA A 197 27.09 -11.55 2.79
N TYR A 198 26.34 -11.21 1.75
CA TYR A 198 25.73 -12.20 0.89
C TYR A 198 26.34 -12.12 -0.49
N LYS A 199 26.60 -13.29 -1.06
CA LYS A 199 27.04 -13.43 -2.42
C LYS A 199 26.00 -14.15 -3.21
N SER A 200 25.87 -13.77 -4.47
CA SER A 200 24.89 -14.35 -5.37
C SER A 200 25.00 -15.88 -5.38
N THR A 201 26.22 -16.40 -5.24
CA THR A 201 26.49 -17.82 -5.31
C THR A 201 26.31 -18.57 -3.98
N ASP A 202 25.96 -17.86 -2.90
CA ASP A 202 25.74 -18.54 -1.63
C ASP A 202 24.65 -19.60 -1.78
N PRO A 203 24.81 -20.72 -1.08
CA PRO A 203 23.86 -21.84 -1.21
C PRO A 203 22.45 -21.48 -0.76
N GLY A 204 22.32 -20.45 0.07
CA GLY A 204 21.02 -19.98 0.51
C GLY A 204 20.45 -18.82 -0.28
N VAL A 205 21.17 -18.38 -1.32
CA VAL A 205 20.75 -17.26 -2.14
C VAL A 205 20.35 -17.74 -3.54
N THR A 206 21.18 -18.59 -4.14
CA THR A 206 20.78 -19.35 -5.31
C THR A 206 20.40 -20.73 -4.80
N TYR A 207 19.10 -20.98 -4.80
CA TYR A 207 18.55 -22.10 -4.07
C TYR A 207 17.27 -22.57 -4.70
N ASP A 208 17.11 -23.89 -4.80
CA ASP A 208 15.89 -24.49 -5.34
C ASP A 208 14.98 -24.95 -4.19
N ALA A 209 13.98 -24.14 -3.89
CA ALA A 209 13.12 -24.39 -2.73
C ALA A 209 12.12 -25.50 -2.98
N TYR A 210 12.09 -26.03 -4.19
CA TYR A 210 11.10 -27.02 -4.57
C TYR A 210 11.69 -28.40 -4.70
N GLN A 211 12.95 -28.56 -4.32
CA GLN A 211 13.48 -29.90 -4.12
C GLN A 211 13.59 -30.18 -2.63
N ALA A 212 13.62 -31.46 -2.29
CA ALA A 212 13.64 -31.91 -0.91
C ALA A 212 15.07 -31.85 -0.43
N ALA A 213 15.52 -30.63 -0.11
CA ALA A 213 16.88 -30.39 0.33
C ALA A 213 16.86 -29.57 1.61
N THR A 214 17.93 -29.65 2.40
CA THR A 214 18.12 -28.73 3.53
C THR A 214 18.57 -27.35 3.03
N TYR A 215 18.61 -26.37 3.94
CA TYR A 215 18.88 -24.97 3.59
C TYR A 215 19.98 -24.39 4.48
N THR A 216 20.97 -23.74 3.85
CA THR A 216 22.04 -23.06 4.57
C THR A 216 21.70 -21.58 4.63
N ILE A 217 21.40 -21.09 5.83
CA ILE A 217 21.07 -19.68 6.02
C ILE A 217 22.27 -18.81 5.70
N PRO A 218 22.08 -17.77 4.86
CA PRO A 218 23.20 -16.85 4.54
C PRO A 218 23.68 -16.03 5.72
N GLY A 219 24.90 -15.51 5.57
CA GLY A 219 25.44 -14.58 6.54
C GLY A 219 26.28 -15.23 7.62
N PRO A 220 26.71 -14.42 8.59
CA PRO A 220 27.64 -14.85 9.60
C PRO A 220 26.98 -15.67 10.70
N ALA A 221 27.78 -16.17 11.63
CA ALA A 221 27.23 -16.85 12.78
C ALA A 221 26.42 -15.88 13.65
N VAL A 222 25.49 -16.43 14.42
CA VAL A 222 24.69 -15.65 15.34
C VAL A 222 25.54 -15.22 16.53
N PHE A 223 25.47 -13.94 16.87
CA PHE A 223 26.12 -13.40 18.06
C PHE A 223 25.56 -14.05 19.31
N THR A 224 26.44 -14.41 20.24
CA THR A 224 26.04 -14.99 21.51
C THR A 224 26.83 -14.34 22.63
N CYS A 225 26.16 -13.98 23.72
CA CYS A 225 26.81 -13.33 24.86
C CYS A 225 27.65 -14.31 25.66
N GLY B 2 -4.57 7.48 -2.67
CA GLY B 2 -5.58 6.88 -1.79
C GLY B 2 -6.57 6.01 -2.55
N PHE B 3 -7.53 5.44 -1.83
CA PHE B 3 -8.61 4.72 -2.48
C PHE B 3 -9.80 4.64 -1.53
N VAL B 4 -10.94 4.22 -2.07
CA VAL B 4 -12.12 4.03 -1.25
C VAL B 4 -11.94 2.75 -0.46
N ASP B 5 -11.90 2.87 0.88
CA ASP B 5 -11.59 1.78 1.77
C ASP B 5 -12.85 0.91 2.03
N ASN B 6 -14.02 1.56 2.17
CA ASN B 6 -15.25 0.82 2.42
C ASN B 6 -16.44 1.74 2.18
N ALA B 7 -17.62 1.15 2.27
CA ALA B 7 -18.87 1.87 2.03
C ALA B 7 -19.97 1.33 2.91
N THR B 8 -21.01 2.17 3.11
CA THR B 8 -22.26 1.75 3.68
C THR B 8 -23.33 1.96 2.60
N ILE B 9 -23.91 0.85 2.16
CA ILE B 9 -24.83 0.80 1.02
C ILE B 9 -26.04 -0.05 1.42
N GLY B 10 -27.23 0.50 1.19
CA GLY B 10 -28.43 -0.19 1.62
C GLY B 10 -28.43 -0.47 3.11
N GLY B 11 -27.76 0.39 3.86
CA GLY B 11 -27.65 0.24 5.29
C GLY B 11 -26.54 -0.70 5.75
N GLN B 12 -25.87 -1.37 4.82
CA GLN B 12 -24.94 -2.43 5.15
C GLN B 12 -23.49 -2.00 4.88
N PHE B 13 -22.58 -2.45 5.73
CA PHE B 13 -21.16 -2.19 5.58
C PHE B 13 -20.53 -3.16 4.55
N TYR B 14 -19.63 -2.63 3.70
CA TYR B 14 -18.86 -3.43 2.74
C TYR B 14 -17.44 -2.89 2.73
N GLN B 15 -16.49 -3.74 3.09
CA GLN B 15 -15.08 -3.40 2.88
C GLN B 15 -14.77 -3.56 1.40
N PHE B 16 -14.11 -2.56 0.79
CA PHE B 16 -13.83 -2.61 -0.61
C PHE B 16 -12.57 -3.43 -0.85
N TYR B 17 -12.34 -3.73 -2.13
CA TYR B 17 -11.09 -4.33 -2.56
C TYR B 17 -9.88 -3.65 -1.92
N GLN B 18 -8.94 -4.46 -1.38
CA GLN B 18 -7.78 -3.95 -0.63
C GLN B 18 -6.50 -4.30 -1.41
N PRO B 19 -5.98 -3.32 -2.19
CA PRO B 19 -4.85 -3.66 -3.09
C PRO B 19 -3.58 -4.06 -2.38
N TYR B 20 -3.47 -3.73 -1.09
CA TYR B 20 -2.25 -4.06 -0.33
C TYR B 20 -2.43 -5.29 0.56
N GLN B 21 -3.57 -5.96 0.39
CA GLN B 21 -3.93 -7.14 1.18
C GLN B 21 -4.46 -8.29 0.33
N ASP B 22 -5.54 -8.04 -0.41
CA ASP B 22 -6.20 -9.10 -1.18
C ASP B 22 -5.28 -9.91 -2.10
N PRO B 23 -4.34 -9.25 -2.81
CA PRO B 23 -3.45 -10.03 -3.66
C PRO B 23 -2.56 -11.01 -2.89
N TYR B 24 -2.43 -10.85 -1.56
CA TYR B 24 -1.45 -11.61 -0.77
C TYR B 24 -2.10 -12.65 0.15
N MET B 25 -3.43 -12.70 0.14
CA MET B 25 -4.18 -13.70 0.88
C MET B 25 -4.38 -14.92 -0.01
N GLY B 26 -4.28 -16.10 0.57
CA GLY B 26 -4.47 -17.35 -0.18
C GLY B 26 -5.79 -17.37 -0.91
N SER B 27 -6.83 -16.88 -0.22
CA SER B 27 -8.17 -16.75 -0.78
C SER B 27 -8.62 -15.29 -0.63
N PRO B 28 -8.48 -14.47 -1.71
CA PRO B 28 -8.90 -13.08 -1.65
C PRO B 28 -10.41 -12.97 -1.35
N PRO B 29 -10.81 -12.06 -0.47
CA PRO B 29 -12.23 -12.00 -0.15
C PRO B 29 -13.10 -11.59 -1.35
N ASP B 30 -14.29 -12.16 -1.48
CA ASP B 30 -15.26 -11.66 -2.43
C ASP B 30 -15.57 -10.21 -2.05
N ARG B 31 -15.74 -9.35 -3.05
CA ARG B 31 -16.00 -7.92 -2.82
C ARG B 31 -17.11 -7.41 -3.74
N ILE B 32 -17.70 -6.27 -3.37
CA ILE B 32 -18.61 -5.55 -4.26
C ILE B 32 -17.86 -4.53 -5.13
N SER B 33 -16.57 -4.31 -4.87
CA SER B 33 -15.81 -3.33 -5.62
C SER B 33 -14.69 -3.98 -6.39
N ARG B 34 -14.28 -3.30 -7.45
CA ARG B 34 -13.40 -3.88 -8.45
C ARG B 34 -11.93 -3.67 -8.09
N LYS B 35 -11.12 -4.62 -8.53
CA LYS B 35 -9.68 -4.60 -8.37
C LYS B 35 -9.09 -3.25 -8.80
N ILE B 36 -8.16 -2.78 -7.98
CA ILE B 36 -7.32 -1.63 -8.30
C ILE B 36 -5.85 -2.03 -8.02
N PRO B 37 -4.89 -1.34 -8.64
CA PRO B 37 -3.48 -1.72 -8.51
C PRO B 37 -2.83 -1.27 -7.19
N GLY B 38 -3.46 -0.34 -6.52
CA GLY B 38 -2.81 0.40 -5.43
C GLY B 38 -3.43 1.76 -5.31
N ASN B 39 -2.75 2.67 -4.62
CA ASN B 39 -3.33 3.98 -4.34
C ASN B 39 -2.85 5.11 -5.27
N GLY B 40 -2.13 4.80 -6.34
CA GLY B 40 -1.57 5.83 -7.20
C GLY B 40 -2.46 6.25 -8.35
N PRO B 41 -2.14 7.39 -8.97
CA PRO B 41 -3.01 7.99 -9.95
C PRO B 41 -3.00 7.33 -11.33
N VAL B 42 -4.10 7.49 -12.03
CA VAL B 42 -4.18 7.30 -13.47
C VAL B 42 -3.96 8.69 -14.08
N GLU B 43 -3.08 8.79 -15.08
CA GLU B 43 -2.75 10.08 -15.67
C GLU B 43 -2.96 10.09 -17.17
N ASP B 44 -3.58 9.04 -17.70
CA ASP B 44 -3.80 8.89 -19.15
C ASP B 44 -5.31 8.82 -19.44
N VAL B 45 -5.86 9.90 -19.98
CA VAL B 45 -7.28 9.96 -20.27
C VAL B 45 -7.68 9.04 -21.44
N THR B 46 -6.69 8.50 -22.17
CA THR B 46 -6.96 7.64 -23.33
C THR B 46 -6.91 6.16 -22.95
N SER B 47 -6.60 5.86 -21.70
CA SER B 47 -6.43 4.49 -21.25
C SER B 47 -7.73 3.95 -20.64
N LEU B 48 -7.94 2.64 -20.79
CA LEU B 48 -9.05 1.98 -20.11
C LEU B 48 -8.90 2.09 -18.59
N ALA B 49 -7.69 2.36 -18.11
CA ALA B 49 -7.47 2.58 -16.67
C ALA B 49 -8.32 3.71 -16.10
N ILE B 50 -8.68 4.68 -16.94
CA ILE B 50 -9.47 5.79 -16.45
C ILE B 50 -10.91 5.35 -16.09
N GLN B 51 -11.31 4.15 -16.52
CA GLN B 51 -12.66 3.68 -16.23
C GLN B 51 -12.82 3.21 -14.77
N CYS B 52 -12.11 2.15 -14.41
CA CYS B 52 -12.21 1.53 -13.08
C CYS B 52 -10.84 1.29 -12.46
N ASN B 53 -9.85 2.04 -12.97
CA ASN B 53 -8.46 1.95 -12.56
C ASN B 53 -7.71 0.88 -13.34
N ALA B 54 -6.40 0.84 -13.19
CA ALA B 54 -5.59 0.00 -14.03
C ALA B 54 -5.74 -1.48 -13.72
N ASP B 55 -5.81 -2.29 -14.77
CA ASP B 55 -5.82 -3.73 -14.65
C ASP B 55 -6.90 -4.23 -13.69
N SER B 56 -8.08 -3.68 -13.89
CA SER B 56 -9.22 -3.99 -13.05
C SER B 56 -9.90 -5.26 -13.57
N ALA B 57 -10.92 -5.69 -12.83
CA ALA B 57 -11.71 -6.87 -13.20
C ALA B 57 -13.04 -6.77 -12.48
N PRO B 58 -14.08 -7.45 -13.00
CA PRO B 58 -15.37 -7.43 -12.30
C PRO B 58 -15.26 -7.94 -10.89
N ALA B 59 -16.18 -7.50 -10.04
CA ALA B 59 -16.28 -7.96 -8.67
C ALA B 59 -17.34 -9.06 -8.58
N LYS B 60 -17.23 -9.89 -7.57
CA LYS B 60 -18.05 -11.07 -7.47
C LYS B 60 -19.45 -10.73 -6.98
N LEU B 61 -19.58 -9.68 -6.16
CA LEU B 61 -20.80 -9.39 -5.44
C LEU B 61 -21.43 -8.08 -5.88
N HIS B 62 -22.71 -7.94 -5.56
CA HIS B 62 -23.39 -6.65 -5.62
C HIS B 62 -23.95 -6.30 -4.27
N ALA B 63 -24.04 -5.00 -3.97
CA ALA B 63 -24.73 -4.52 -2.78
C ALA B 63 -26.14 -4.07 -3.14
N SER B 64 -27.15 -4.59 -2.44
CA SER B 64 -28.51 -4.19 -2.73
C SER B 64 -28.81 -2.85 -2.07
N ALA B 65 -29.50 -1.98 -2.79
CA ALA B 65 -29.94 -0.72 -2.22
C ALA B 65 -31.12 -0.19 -2.99
N ALA B 66 -32.02 0.47 -2.29
CA ALA B 66 -33.19 1.07 -2.92
C ALA B 66 -32.78 2.31 -3.73
N ALA B 67 -33.34 2.48 -4.91
CA ALA B 67 -33.24 3.73 -5.66
C ALA B 67 -33.68 4.85 -4.71
N GLY B 68 -32.92 5.94 -4.70
CA GLY B 68 -33.22 7.08 -3.83
C GLY B 68 -32.46 7.11 -2.52
N SER B 69 -31.88 5.97 -2.11
CA SER B 69 -31.16 5.89 -0.85
C SER B 69 -29.78 6.48 -0.96
N THR B 70 -29.22 6.84 0.19
CA THR B 70 -27.91 7.44 0.31
C THR B 70 -26.86 6.36 0.58
N VAL B 71 -25.74 6.51 -0.12
CA VAL B 71 -24.55 5.68 0.09
C VAL B 71 -23.45 6.53 0.73
N THR B 72 -22.68 5.92 1.63
CA THR B 72 -21.50 6.57 2.20
C THR B 72 -20.24 5.82 1.73
N LEU B 73 -19.32 6.56 1.11
CA LEU B 73 -18.00 6.05 0.74
C LEU B 73 -16.96 6.67 1.67
N ARG B 74 -16.03 5.86 2.13
CA ARG B 74 -15.00 6.32 3.06
C ARG B 74 -13.63 6.09 2.44
N TRP B 75 -12.94 7.20 2.13
CA TRP B 75 -11.59 7.18 1.58
C TRP B 75 -10.53 7.01 2.62
N THR B 76 -9.38 6.47 2.23
CA THR B 76 -8.16 6.65 3.00
C THR B 76 -7.85 8.16 2.98
N ILE B 77 -7.17 8.64 4.02
CA ILE B 77 -7.04 10.08 4.23
C ILE B 77 -6.45 10.80 3.02
N TRP B 78 -7.11 11.86 2.57
CA TRP B 78 -6.75 12.48 1.30
C TRP B 78 -5.66 13.55 1.50
N PRO B 79 -4.56 13.49 0.72
CA PRO B 79 -3.47 14.47 0.89
C PRO B 79 -3.96 15.90 0.71
N ASP B 80 -3.53 16.82 1.57
CA ASP B 80 -3.98 18.21 1.48
C ASP B 80 -3.62 18.90 0.18
N SER B 81 -2.51 18.50 -0.43
CA SER B 81 -2.12 19.07 -1.71
C SER B 81 -3.06 18.70 -2.87
N HIS B 82 -3.78 17.57 -2.76
CA HIS B 82 -4.55 17.00 -3.87
C HIS B 82 -5.93 17.62 -4.04
N VAL B 83 -5.96 18.93 -4.19
CA VAL B 83 -7.23 19.63 -4.45
C VAL B 83 -7.79 19.21 -5.80
N GLY B 84 -9.10 19.19 -5.91
CA GLY B 84 -9.76 18.83 -7.14
C GLY B 84 -11.22 18.46 -6.97
N PRO B 85 -11.88 18.15 -8.09
CA PRO B 85 -13.27 17.75 -8.03
C PRO B 85 -13.44 16.29 -7.55
N VAL B 86 -14.66 15.98 -7.13
CA VAL B 86 -15.08 14.59 -6.80
C VAL B 86 -16.32 14.32 -7.66
N ILE B 87 -16.33 13.21 -8.38
CA ILE B 87 -17.37 12.93 -9.38
C ILE B 87 -17.82 11.46 -9.30
N THR B 88 -19.12 11.22 -9.42
CA THR B 88 -19.66 9.87 -9.37
C THR B 88 -20.58 9.65 -10.56
N TYR B 89 -20.40 8.49 -11.16
CA TYR B 89 -21.10 8.05 -12.34
C TYR B 89 -21.72 6.68 -12.08
N MET B 90 -22.72 6.32 -12.86
CA MET B 90 -23.23 4.97 -12.87
C MET B 90 -23.37 4.46 -14.30
N ALA B 91 -23.50 3.14 -14.45
CA ALA B 91 -23.78 2.50 -15.73
C ALA B 91 -24.62 1.27 -15.45
N ARG B 92 -25.67 1.04 -16.25
CA ARG B 92 -26.50 -0.16 -16.09
C ARG B 92 -25.75 -1.36 -16.66
N CYS B 93 -25.65 -2.42 -15.86
CA CYS B 93 -25.11 -3.68 -16.33
C CYS B 93 -26.18 -4.51 -17.05
N PRO B 94 -25.74 -5.51 -17.80
CA PRO B 94 -26.73 -6.48 -18.30
C PRO B 94 -27.53 -7.06 -17.13
N ASP B 95 -28.74 -7.54 -17.43
CA ASP B 95 -29.64 -8.04 -16.37
C ASP B 95 -29.14 -9.34 -15.75
N THR B 96 -28.15 -9.97 -16.39
CA THR B 96 -27.47 -11.12 -15.81
C THR B 96 -26.43 -10.74 -14.74
N GLY B 97 -26.12 -9.45 -14.63
CA GLY B 97 -25.28 -8.96 -13.56
C GLY B 97 -24.05 -8.20 -14.03
N CYS B 98 -23.35 -7.59 -13.07
CA CYS B 98 -22.08 -6.86 -13.31
C CYS B 98 -20.88 -7.78 -13.13
N GLN B 99 -21.11 -8.95 -12.53
CA GLN B 99 -20.00 -9.79 -12.09
C GLN B 99 -19.13 -10.39 -13.20
N ASP B 100 -19.58 -10.33 -14.44
CA ASP B 100 -18.85 -10.88 -15.58
C ASP B 100 -18.84 -9.94 -16.78
N TRP B 101 -18.99 -8.64 -16.52
CA TRP B 101 -19.14 -7.64 -17.56
C TRP B 101 -18.36 -6.39 -17.25
N THR B 102 -17.78 -5.80 -18.29
CA THR B 102 -17.13 -4.50 -18.21
C THR B 102 -17.44 -3.73 -19.48
N PRO B 103 -17.82 -2.45 -19.37
CA PRO B 103 -18.05 -1.65 -20.57
C PRO B 103 -16.76 -1.59 -21.39
N SER B 104 -16.86 -1.63 -22.72
CA SER B 104 -15.71 -1.47 -23.58
C SER B 104 -15.25 -0.01 -23.57
N ALA B 105 -14.10 0.23 -24.19
CA ALA B 105 -13.58 1.59 -24.32
C ALA B 105 -14.51 2.50 -25.15
N SER B 106 -15.40 1.90 -25.94
CA SER B 106 -16.31 2.63 -26.85
C SER B 106 -17.73 2.73 -26.30
N ASP B 107 -18.04 1.94 -25.27
CA ASP B 107 -19.40 1.84 -24.72
C ASP B 107 -19.82 3.12 -23.98
N LYS B 108 -20.70 3.91 -24.62
CA LYS B 108 -21.26 5.11 -23.99
C LYS B 108 -22.41 4.72 -23.07
N VAL B 109 -22.07 4.23 -21.90
CA VAL B 109 -23.02 3.69 -20.93
C VAL B 109 -23.06 4.49 -19.61
N TRP B 110 -22.09 5.39 -19.42
CA TRP B 110 -21.92 6.08 -18.11
C TRP B 110 -22.69 7.38 -18.07
N PHE B 111 -23.49 7.56 -17.03
CA PHE B 111 -24.15 8.82 -16.74
C PHE B 111 -23.64 9.36 -15.41
N LYS B 112 -23.45 10.67 -15.35
CA LYS B 112 -22.98 11.36 -14.13
C LYS B 112 -24.16 11.47 -13.15
N ILE B 113 -23.96 11.09 -11.90
CA ILE B 113 -25.00 11.25 -10.89
C ILE B 113 -24.71 12.30 -9.83
N LYS B 114 -23.44 12.65 -9.62
CA LYS B 114 -23.08 13.67 -8.66
C LYS B 114 -21.73 14.26 -9.02
N GLU B 115 -21.58 15.56 -8.84
CA GLU B 115 -20.28 16.23 -9.03
C GLU B 115 -20.12 17.36 -8.04
N GLY B 116 -18.87 17.60 -7.66
CA GLY B 116 -18.46 18.75 -6.87
C GLY B 116 -17.12 19.25 -7.40
N GLY B 117 -16.93 20.56 -7.43
CA GLY B 117 -15.70 21.16 -7.98
C GLY B 117 -15.04 22.07 -6.99
N ARG B 118 -14.81 23.30 -7.41
CA ARG B 118 -14.17 24.31 -6.59
C ARG B 118 -15.25 25.24 -6.03
N GLU B 119 -15.11 25.56 -4.75
CA GLU B 119 -16.01 26.52 -4.13
C GLU B 119 -15.64 27.92 -4.59
N GLY B 120 -16.37 28.43 -5.58
CA GLY B 120 -16.06 29.71 -6.16
C GLY B 120 -14.65 29.74 -6.73
N THR B 121 -13.90 30.75 -6.31
CA THR B 121 -12.49 30.87 -6.64
C THR B 121 -11.61 30.62 -5.42
N SER B 122 -12.16 29.99 -4.38
CA SER B 122 -11.42 29.74 -3.13
C SER B 122 -10.50 28.52 -3.27
N ASN B 123 -9.78 28.20 -2.20
CA ASN B 123 -8.97 26.97 -2.18
C ASN B 123 -9.70 25.79 -1.52
N VAL B 124 -11.01 25.92 -1.36
CA VAL B 124 -11.84 24.80 -0.89
C VAL B 124 -12.45 24.12 -2.09
N TRP B 125 -12.32 22.80 -2.13
CA TRP B 125 -12.79 21.95 -3.24
C TRP B 125 -13.63 20.82 -2.72
N ALA B 126 -14.28 20.09 -3.64
CA ALA B 126 -15.02 18.91 -3.23
C ALA B 126 -14.16 17.88 -2.54
N ALA B 127 -12.87 17.83 -2.88
CA ALA B 127 -11.95 16.90 -2.23
C ALA B 127 -11.57 17.33 -0.82
N THR B 128 -11.83 18.58 -0.47
CA THR B 128 -11.32 19.11 0.80
C THR B 128 -11.83 18.36 2.03
N PRO B 129 -13.14 18.07 2.08
CA PRO B 129 -13.59 17.33 3.26
C PRO B 129 -12.90 15.97 3.43
N LEU B 130 -12.40 15.38 2.34
CA LEU B 130 -11.77 14.07 2.43
C LEU B 130 -10.38 14.15 3.04
N MET B 131 -9.86 15.38 3.18
CA MET B 131 -8.54 15.66 3.76
C MET B 131 -8.55 15.72 5.28
N THR B 132 -9.74 15.66 5.86
CA THR B 132 -9.90 15.61 7.32
C THR B 132 -10.72 14.37 7.69
N ALA B 133 -10.21 13.57 8.61
CA ALA B 133 -10.92 12.36 9.04
C ALA B 133 -12.17 12.75 9.82
N PRO B 134 -13.29 12.02 9.64
CA PRO B 134 -13.52 10.90 8.71
C PRO B 134 -13.61 11.35 7.24
N ALA B 135 -12.80 10.75 6.37
CA ALA B 135 -12.74 11.14 4.97
C ALA B 135 -13.92 10.56 4.21
N ASN B 136 -15.11 11.08 4.50
CA ASN B 136 -16.35 10.55 3.99
C ASN B 136 -17.06 11.36 2.91
N TYR B 137 -17.66 10.63 1.98
CA TYR B 137 -18.42 11.16 0.85
C TYR B 137 -19.79 10.47 0.77
N GLU B 138 -20.84 11.24 0.55
CA GLU B 138 -22.16 10.69 0.29
C GLU B 138 -22.61 10.94 -1.14
N TYR B 139 -23.30 9.96 -1.69
CA TYR B 139 -24.09 10.16 -2.90
C TYR B 139 -25.44 9.48 -2.74
N ALA B 140 -26.41 9.95 -3.51
CA ALA B 140 -27.72 9.33 -3.53
C ALA B 140 -27.94 8.64 -4.87
N ILE B 141 -28.45 7.40 -4.83
CA ILE B 141 -28.80 6.70 -6.04
C ILE B 141 -30.05 7.39 -6.58
N PRO B 142 -30.03 7.85 -7.84
CA PRO B 142 -31.21 8.52 -8.35
C PRO B 142 -32.50 7.72 -8.12
N SER B 143 -33.53 8.39 -7.64
CA SER B 143 -34.72 7.70 -7.17
C SER B 143 -35.51 7.07 -8.31
N CYS B 144 -35.36 7.62 -9.51
CA CYS B 144 -36.15 7.15 -10.67
C CYS B 144 -35.56 5.95 -11.40
N LEU B 145 -34.35 5.51 -10.99
CA LEU B 145 -33.70 4.42 -11.68
C LEU B 145 -34.46 3.12 -11.68
N LYS B 146 -34.60 2.55 -12.87
CA LYS B 146 -35.23 1.26 -13.06
C LYS B 146 -34.43 0.21 -12.29
N PRO B 147 -35.11 -0.70 -11.56
CA PRO B 147 -34.36 -1.73 -10.85
C PRO B 147 -33.41 -2.47 -11.78
N GLY B 148 -32.24 -2.84 -11.25
CA GLY B 148 -31.28 -3.61 -12.03
C GLY B 148 -29.94 -3.62 -11.36
N TYR B 149 -28.97 -4.16 -12.08
CA TYR B 149 -27.62 -4.21 -11.61
C TYR B 149 -26.87 -3.04 -12.24
N TYR B 150 -26.12 -2.29 -11.44
CA TYR B 150 -25.41 -1.09 -11.89
C TYR B 150 -23.97 -1.01 -11.38
N LEU B 151 -23.09 -0.53 -12.25
CA LEU B 151 -21.78 -0.11 -11.81
C LEU B 151 -21.84 1.33 -11.31
N VAL B 152 -21.01 1.62 -10.31
CA VAL B 152 -20.77 2.98 -9.83
C VAL B 152 -19.29 3.28 -10.04
N ARG B 153 -19.00 4.37 -10.74
CA ARG B 153 -17.60 4.84 -10.91
C ARG B 153 -17.42 6.13 -10.15
N HIS B 154 -16.50 6.12 -9.19
CA HIS B 154 -16.31 7.24 -8.29
C HIS B 154 -14.87 7.68 -8.40
N GLU B 155 -14.62 8.98 -8.50
CA GLU B 155 -13.25 9.47 -8.66
C GLU B 155 -13.02 10.76 -7.94
N ILE B 156 -11.76 10.95 -7.54
CA ILE B 156 -11.19 12.28 -7.29
C ILE B 156 -10.24 12.58 -8.46
N ILE B 157 -10.21 13.85 -8.90
CA ILE B 157 -9.21 14.30 -9.87
C ILE B 157 -8.37 15.32 -9.12
N ALA B 158 -7.12 14.95 -8.79
CA ALA B 158 -6.21 15.85 -8.09
C ALA B 158 -5.54 16.72 -9.14
N LEU B 159 -5.50 18.04 -8.89
CA LEU B 159 -5.06 19.01 -9.88
C LEU B 159 -3.82 19.78 -9.49
N HIS B 160 -3.11 19.33 -8.45
CA HIS B 160 -1.90 20.00 -7.97
C HIS B 160 -0.77 19.98 -8.97
N SER B 161 -0.84 19.07 -9.94
CA SER B 161 0.16 18.95 -10.99
C SER B 161 -0.45 19.06 -12.38
N ALA B 162 -1.64 19.69 -12.49
CA ALA B 162 -2.36 19.71 -13.75
C ALA B 162 -2.12 20.95 -14.63
N TYR B 163 -1.09 21.72 -14.32
CA TYR B 163 -0.80 22.93 -15.09
C TYR B 163 -0.68 22.61 -16.59
N SER B 164 -0.06 21.48 -16.90
CA SER B 164 0.00 20.94 -18.25
C SER B 164 -0.54 19.50 -18.23
N TYR B 165 -0.72 18.94 -19.41
CA TYR B 165 -1.10 17.53 -19.58
C TYR B 165 0.01 16.80 -20.33
N PRO B 166 0.37 15.58 -19.90
CA PRO B 166 -0.14 14.90 -18.70
C PRO B 166 0.17 15.64 -17.40
N GLY B 167 -0.72 15.47 -16.43
CA GLY B 167 -0.54 16.12 -15.12
C GLY B 167 -1.69 15.84 -14.17
N ALA B 168 -2.91 15.99 -14.67
CA ALA B 168 -4.08 15.67 -13.85
C ALA B 168 -3.98 14.24 -13.37
N GLN B 169 -4.39 14.01 -12.12
CA GLN B 169 -4.28 12.70 -11.49
C GLN B 169 -5.67 12.19 -11.16
N PHE B 170 -6.07 11.14 -11.86
CA PHE B 170 -7.40 10.58 -11.68
C PHE B 170 -7.32 9.37 -10.76
N TYR B 171 -8.22 9.30 -9.79
CA TYR B 171 -8.27 8.18 -8.85
C TYR B 171 -9.66 7.51 -8.95
N PRO B 172 -9.91 6.79 -10.04
CA PRO B 172 -11.19 6.12 -10.20
C PRO B 172 -11.28 4.76 -9.53
N GLY B 173 -12.49 4.38 -9.17
CA GLY B 173 -12.76 3.05 -8.70
C GLY B 173 -14.23 2.72 -8.86
N CYS B 174 -14.55 1.43 -8.94
CA CYS B 174 -15.87 0.96 -9.31
C CYS B 174 -16.39 -0.02 -8.26
N HIS B 175 -17.67 0.16 -7.91
CA HIS B 175 -18.38 -0.85 -7.13
C HIS B 175 -19.73 -1.22 -7.76
N GLN B 176 -20.34 -2.29 -7.25
CA GLN B 176 -21.45 -2.93 -7.96
C GLN B 176 -22.68 -2.92 -7.08
N LEU B 177 -23.76 -2.37 -7.65
CA LEU B 177 -25.07 -2.30 -6.94
C LEU B 177 -26.15 -3.20 -7.58
N GLN B 178 -27.05 -3.71 -6.75
CA GLN B 178 -28.33 -4.20 -7.23
C GLN B 178 -29.31 -3.15 -6.75
N VAL B 179 -29.83 -2.33 -7.69
CA VAL B 179 -30.74 -1.24 -7.35
C VAL B 179 -32.17 -1.77 -7.38
N THR B 180 -32.91 -1.56 -6.28
CA THR B 180 -34.28 -2.05 -6.14
C THR B 180 -35.24 -0.89 -6.08
N GLY B 181 -36.53 -1.21 -6.11
CA GLY B 181 -37.57 -0.22 -5.91
C GLY B 181 -38.53 -0.05 -7.07
N SER B 182 -39.12 1.13 -7.16
CA SER B 182 -40.22 1.37 -8.10
C SER B 182 -39.82 2.37 -9.18
N GLY B 183 -38.53 2.56 -9.37
CA GLY B 183 -38.07 3.42 -10.45
C GLY B 183 -38.39 2.81 -11.80
N THR B 184 -38.53 3.66 -12.80
CA THR B 184 -38.89 3.18 -14.13
C THR B 184 -37.99 3.75 -15.22
N LYS B 185 -37.00 4.56 -14.85
CA LYS B 185 -36.23 5.30 -15.85
C LYS B 185 -34.84 4.72 -16.11
N THR B 186 -34.39 4.89 -17.35
CA THR B 186 -33.05 4.50 -17.78
C THR B 186 -32.44 5.71 -18.49
N PRO B 187 -31.35 6.26 -17.95
CA PRO B 187 -30.72 7.39 -18.63
C PRO B 187 -30.33 7.04 -20.07
N SER B 188 -30.74 7.90 -21.00
CA SER B 188 -30.46 7.71 -22.43
C SER B 188 -29.87 8.96 -23.07
N SER B 189 -29.56 9.96 -22.25
CA SER B 189 -28.89 11.16 -22.70
C SER B 189 -27.73 11.46 -21.74
N GLY B 190 -26.78 12.27 -22.18
CA GLY B 190 -25.58 12.57 -21.42
C GLY B 190 -24.71 11.38 -21.12
N LEU B 191 -24.75 10.33 -21.95
CA LEU B 191 -23.98 9.11 -21.73
C LEU B 191 -22.59 9.23 -22.36
N VAL B 192 -21.60 8.71 -21.67
CA VAL B 192 -20.21 8.80 -22.09
C VAL B 192 -19.48 7.48 -21.91
N SER B 193 -18.37 7.30 -22.63
CA SER B 193 -17.49 6.15 -22.42
C SER B 193 -16.30 6.59 -21.61
N PHE B 194 -15.65 5.62 -20.98
CA PHE B 194 -14.33 5.78 -20.39
C PHE B 194 -13.39 4.72 -20.93
N PRO B 195 -12.37 5.15 -21.66
CA PRO B 195 -12.00 6.52 -22.08
C PRO B 195 -12.97 7.14 -23.03
N GLY B 196 -12.87 8.45 -23.16
CA GLY B 196 -13.72 9.22 -24.07
C GLY B 196 -14.33 10.44 -23.46
N ALA B 197 -14.82 10.32 -22.23
CA ALA B 197 -15.52 11.44 -21.59
C ALA B 197 -14.65 12.69 -21.43
N TYR B 198 -13.37 12.45 -21.17
CA TYR B 198 -12.43 13.50 -20.88
C TYR B 198 -11.40 13.65 -21.96
N LYS B 199 -11.11 14.88 -22.32
CA LYS B 199 -10.00 15.18 -23.22
C LYS B 199 -8.91 15.93 -22.47
N SER B 200 -7.68 15.73 -22.88
CA SER B 200 -6.54 16.39 -22.27
C SER B 200 -6.69 17.91 -22.26
N THR B 201 -7.34 18.45 -23.28
CA THR B 201 -7.56 19.89 -23.43
C THR B 201 -8.73 20.43 -22.63
N ASP B 202 -9.52 19.57 -21.97
CA ASP B 202 -10.67 20.09 -21.24
C ASP B 202 -10.22 21.10 -20.19
N PRO B 203 -11.02 22.15 -19.94
CA PRO B 203 -10.59 23.21 -19.02
C PRO B 203 -10.43 22.70 -17.58
N GLY B 204 -11.09 21.61 -17.26
CA GLY B 204 -10.96 20.98 -15.95
C GLY B 204 -9.87 19.94 -15.84
N VAL B 205 -9.20 19.63 -16.94
CA VAL B 205 -8.15 18.60 -16.97
C VAL B 205 -6.78 19.28 -17.03
N THR B 206 -6.62 20.27 -17.93
CA THR B 206 -5.45 21.14 -17.93
C THR B 206 -5.90 22.41 -17.26
N TYR B 207 -5.40 22.65 -16.06
CA TYR B 207 -5.92 23.69 -15.18
C TYR B 207 -4.88 24.11 -14.16
N ASP B 208 -4.80 25.41 -13.87
CA ASP B 208 -3.91 25.95 -12.86
C ASP B 208 -4.69 26.17 -11.55
N ALA B 209 -4.60 25.19 -10.64
CA ALA B 209 -5.34 25.24 -9.37
C ALA B 209 -4.88 26.36 -8.43
N TYR B 210 -3.75 27.00 -8.74
CA TYR B 210 -3.17 28.02 -7.85
C TYR B 210 -3.52 29.44 -8.23
N GLN B 211 -4.32 29.58 -9.28
CA GLN B 211 -4.90 30.86 -9.63
C GLN B 211 -6.33 30.93 -9.08
N ALA B 212 -6.76 32.13 -8.68
CA ALA B 212 -8.08 32.33 -8.09
C ALA B 212 -9.08 32.48 -9.22
N ALA B 213 -9.60 31.35 -9.67
CA ALA B 213 -10.47 31.26 -10.84
C ALA B 213 -11.50 30.17 -10.63
N THR B 214 -12.59 30.29 -11.36
CA THR B 214 -13.62 29.26 -11.28
C THR B 214 -13.15 28.02 -12.04
N TYR B 215 -13.71 26.90 -11.65
CA TYR B 215 -13.35 25.60 -12.20
C TYR B 215 -14.55 25.00 -12.93
N THR B 216 -14.33 24.59 -14.17
CA THR B 216 -15.33 23.85 -14.93
C THR B 216 -15.13 22.36 -14.80
N ILE B 217 -16.03 21.69 -14.08
CA ILE B 217 -15.91 20.25 -13.87
C ILE B 217 -16.02 19.51 -15.20
N PRO B 218 -15.11 18.54 -15.46
CA PRO B 218 -15.23 17.82 -16.71
C PRO B 218 -16.39 16.81 -16.74
N GLY B 219 -16.64 16.29 -17.93
CA GLY B 219 -17.63 15.26 -18.16
C GLY B 219 -18.99 15.82 -18.56
N PRO B 220 -19.96 14.94 -18.72
CA PRO B 220 -21.31 15.30 -19.16
C PRO B 220 -22.16 15.94 -18.05
N ALA B 221 -23.36 16.36 -18.41
CA ALA B 221 -24.32 16.89 -17.44
C ALA B 221 -24.71 15.87 -16.39
N VAL B 222 -25.03 16.33 -15.18
CA VAL B 222 -25.59 15.43 -14.15
C VAL B 222 -26.98 14.96 -14.56
N PHE B 223 -27.19 13.64 -14.46
CA PHE B 223 -28.49 13.06 -14.67
C PHE B 223 -29.44 13.46 -13.56
N THR B 224 -30.63 13.96 -13.91
CA THR B 224 -31.64 14.28 -12.91
C THR B 224 -32.95 13.59 -13.28
N CYS B 225 -33.68 13.18 -12.26
CA CYS B 225 -35.00 12.58 -12.43
C CYS B 225 -36.05 13.67 -12.66
#